data_4JGB
#
_entry.id   4JGB
#
_cell.length_a   67.390
_cell.length_b   76.280
_cell.length_c   78.580
_cell.angle_alpha   90.000
_cell.angle_beta   93.420
_cell.angle_gamma   90.000
#
_symmetry.space_group_name_H-M   'C 1 2 1'
#
loop_
_entity.id
_entity.type
_entity.pdbx_description
1 polymer 'Putative exported protein'
2 non-polymer 1,2-ETHANEDIOL
3 non-polymer 'SULFATE ION'
4 water water
#
_entity_poly.entity_id   1
_entity_poly.type   'polypeptide(L)'
_entity_poly.pdbx_seq_one_letter_code
;GPGSMLKIALFGATGMIGSRIAAEAARRGHQVTALSRNPAASGANVQAKAADLFDPASIAAALAGQDVVASAYGPKQEEA
SKVVAVAKALVDGARKAGVKRVVVVGGAGTLEVAPGKQLVDTEGFPDAYKAVALAHRDAYGYLSTVQDLDWTFFSPAALI
APGERTGRFRTGAGRLIVDEQGNSKISAEDYAIAFVDEIEQGRFIRQAATAAY
;
_entity_poly.pdbx_strand_id   A,B
#
loop_
_chem_comp.id
_chem_comp.type
_chem_comp.name
_chem_comp.formula
EDO non-polymer 1,2-ETHANEDIOL 'C2 H6 O2'
SO4 non-polymer 'SULFATE ION' 'O4 S -2'
#
# COMPACT_ATOMS: atom_id res chain seq x y z
N MET A 5 -23.33 -0.74 3.26
CA MET A 5 -22.39 -1.36 2.30
C MET A 5 -21.51 -2.46 2.91
N LEU A 6 -20.90 -2.22 4.08
CA LEU A 6 -20.10 -3.25 4.75
C LEU A 6 -20.76 -3.79 6.02
N LYS A 7 -20.53 -5.08 6.25
CA LYS A 7 -20.95 -5.75 7.47
C LYS A 7 -19.76 -5.74 8.41
N ILE A 8 -19.79 -4.80 9.37
CA ILE A 8 -18.72 -4.67 10.38
C ILE A 8 -19.08 -5.24 11.77
N ALA A 9 -18.26 -6.15 12.26
CA ALA A 9 -18.41 -6.69 13.62
C ALA A 9 -17.41 -5.96 14.50
N LEU A 10 -17.85 -5.56 15.69
CA LEU A 10 -17.06 -4.62 16.49
C LEU A 10 -17.07 -5.07 17.94
N PHE A 11 -15.90 -5.35 18.51
CA PHE A 11 -15.72 -5.57 19.96
C PHE A 11 -15.45 -4.21 20.66
N GLY A 12 -15.89 -4.08 21.90
CA GLY A 12 -15.66 -2.85 22.66
C GLY A 12 -16.59 -1.71 22.30
N ALA A 13 -17.72 -2.01 21.67
CA ALA A 13 -18.65 -0.99 21.18
C ALA A 13 -19.32 -0.02 22.21
N THR A 14 -19.26 -0.33 23.50
CA THR A 14 -19.90 0.54 24.49
C THR A 14 -18.90 1.53 25.05
N GLY A 15 -17.64 1.42 24.64
CA GLY A 15 -16.61 2.32 25.13
C GLY A 15 -16.77 3.72 24.58
N MET A 16 -15.96 4.62 25.10
CA MET A 16 -15.90 6.00 24.68
C MET A 16 -15.46 6.05 23.20
N ILE A 17 -14.43 5.28 22.86
CA ILE A 17 -13.98 5.18 21.46
C ILE A 17 -14.90 4.30 20.62
N GLY A 18 -15.24 3.15 21.18
CA GLY A 18 -15.99 2.14 20.46
C GLY A 18 -17.40 2.58 20.09
N SER A 19 -18.10 3.23 21.00
CA SER A 19 -19.46 3.74 20.73
C SER A 19 -19.47 4.76 19.57
N ARG A 20 -18.40 5.54 19.46
CA ARG A 20 -18.27 6.55 18.39
C ARG A 20 -17.94 5.92 17.05
N ILE A 21 -17.17 4.85 17.09
CA ILE A 21 -16.92 4.06 15.90
C ILE A 21 -18.24 3.43 15.40
N ALA A 22 -19.00 2.78 16.29
CA ALA A 22 -20.23 2.14 15.88
C ALA A 22 -21.21 3.13 15.27
N ALA A 23 -21.34 4.30 15.89
CA ALA A 23 -22.29 5.32 15.42
C ALA A 23 -21.84 5.92 14.08
N GLU A 24 -20.52 6.12 13.95
CA GLU A 24 -19.93 6.65 12.71
C GLU A 24 -20.16 5.68 11.56
N ALA A 25 -20.03 4.38 11.82
CA ALA A 25 -20.26 3.40 10.77
C ALA A 25 -21.75 3.28 10.43
N ALA A 26 -22.61 3.21 11.45
CA ALA A 26 -24.08 3.14 11.25
C ALA A 26 -24.62 4.32 10.45
N ARG A 27 -24.16 5.55 10.77
CA ARG A 27 -24.74 6.72 10.12
C ARG A 27 -24.38 6.77 8.62
N ARG A 28 -23.38 5.98 8.21
CA ARG A 28 -22.93 5.91 6.80
C ARG A 28 -23.69 4.82 6.04
N GLY A 29 -24.45 4.02 6.77
CA GLY A 29 -25.25 2.94 6.12
C GLY A 29 -24.55 1.59 6.20
N HIS A 30 -23.42 1.51 6.92
CA HIS A 30 -22.80 0.19 7.17
C HIS A 30 -23.68 -0.57 8.14
N GLN A 31 -23.72 -1.90 8.01
CA GLN A 31 -24.41 -2.76 8.99
C GLN A 31 -23.45 -3.12 10.13
N VAL A 32 -23.71 -2.57 11.31
CA VAL A 32 -22.84 -2.77 12.47
C VAL A 32 -23.44 -3.77 13.47
N THR A 33 -22.60 -4.72 13.87
CA THR A 33 -22.94 -5.68 14.91
C THR A 33 -21.97 -5.52 16.08
N ALA A 34 -22.46 -5.09 17.24
CA ALA A 34 -21.67 -5.06 18.48
C ALA A 34 -21.57 -6.47 19.06
N LEU A 35 -20.34 -6.97 19.16
CA LEU A 35 -20.14 -8.29 19.70
C LEU A 35 -19.65 -8.17 21.15
N SER A 36 -20.25 -8.94 22.06
CA SER A 36 -19.79 -9.03 23.47
C SER A 36 -20.21 -10.32 24.20
N ARG A 37 -19.61 -10.56 25.37
CA ARG A 37 -19.99 -11.72 26.23
C ARG A 37 -21.43 -11.63 26.75
N ASN A 38 -21.87 -10.44 27.16
CA ASN A 38 -23.27 -10.19 27.57
C ASN A 38 -23.86 -9.07 26.76
N PRO A 39 -24.41 -9.37 25.56
CA PRO A 39 -24.97 -8.32 24.71
C PRO A 39 -26.30 -7.78 25.25
N GLY A 43 -26.42 -0.46 20.94
CA GLY A 43 -27.63 -1.18 20.61
C GLY A 43 -28.73 -0.23 20.21
N ALA A 44 -28.54 0.43 19.05
CA ALA A 44 -29.50 1.35 18.44
C ALA A 44 -28.89 1.81 17.12
N ASN A 45 -29.54 1.45 16.00
CA ASN A 45 -28.94 1.48 14.65
C ASN A 45 -27.81 0.48 14.52
N VAL A 46 -27.52 -0.23 15.60
CA VAL A 46 -26.39 -1.15 15.64
C VAL A 46 -26.93 -2.41 16.29
N GLN A 47 -26.72 -3.54 15.64
CA GLN A 47 -27.21 -4.83 16.18
C GLN A 47 -26.20 -5.41 17.13
N ALA A 48 -26.61 -6.45 17.87
CA ALA A 48 -25.82 -6.99 18.97
C ALA A 48 -25.94 -8.51 18.99
N LYS A 49 -24.82 -9.19 19.20
CA LYS A 49 -24.75 -10.65 19.21
C LYS A 49 -23.71 -11.11 20.24
N ALA A 50 -23.93 -12.32 20.75
CA ALA A 50 -23.05 -12.93 21.73
C ALA A 50 -21.79 -13.43 21.05
N ALA A 51 -20.66 -13.14 21.69
CA ALA A 51 -19.38 -13.62 21.23
C ALA A 51 -18.37 -13.48 22.36
N ASP A 52 -17.57 -14.53 22.54
CA ASP A 52 -16.48 -14.52 23.49
C ASP A 52 -15.21 -14.52 22.70
N LEU A 53 -14.54 -13.37 22.76
CA LEU A 53 -13.30 -13.12 22.08
C LEU A 53 -12.27 -14.25 22.27
N PHE A 54 -12.17 -14.77 23.50
CA PHE A 54 -11.12 -15.72 23.84
C PHE A 54 -11.57 -17.19 23.70
N ASP A 55 -12.75 -17.41 23.11
CA ASP A 55 -13.26 -18.75 22.90
C ASP A 55 -13.23 -19.02 21.40
N PRO A 56 -12.28 -19.87 20.96
CA PRO A 56 -11.96 -20.10 19.54
C PRO A 56 -13.19 -20.23 18.64
N ALA A 57 -14.05 -21.19 18.96
CA ALA A 57 -15.29 -21.44 18.22
C ALA A 57 -16.27 -20.25 18.26
N SER A 58 -16.26 -19.50 19.37
CA SER A 58 -17.22 -18.42 19.57
C SER A 58 -17.02 -17.26 18.58
N ILE A 59 -15.79 -16.74 18.53
CA ILE A 59 -15.46 -15.66 17.61
C ILE A 59 -15.66 -16.07 16.14
N ALA A 60 -15.05 -17.19 15.74
CA ALA A 60 -15.16 -17.69 14.36
C ALA A 60 -16.63 -17.81 13.93
N ALA A 61 -17.47 -18.40 14.79
CA ALA A 61 -18.92 -18.47 14.54
C ALA A 61 -19.60 -17.10 14.39
N ALA A 62 -19.26 -16.14 15.24
CA ALA A 62 -19.85 -14.79 15.20
C ALA A 62 -19.40 -13.93 14.04
N LEU A 63 -18.22 -14.21 13.51
CA LEU A 63 -17.67 -13.41 12.40
C LEU A 63 -18.14 -13.91 11.05
N ALA A 64 -18.81 -15.05 11.04
CA ALA A 64 -19.22 -15.70 9.80
C ALA A 64 -20.09 -14.75 8.98
N GLY A 65 -19.69 -14.53 7.74
CA GLY A 65 -20.41 -13.58 6.89
C GLY A 65 -20.08 -12.12 7.05
N GLN A 66 -19.23 -11.76 8.00
CA GLN A 66 -18.84 -10.35 8.19
C GLN A 66 -17.77 -9.92 7.18
N ASP A 67 -17.81 -8.66 6.76
CA ASP A 67 -16.74 -8.14 5.87
C ASP A 67 -15.51 -7.72 6.66
N VAL A 68 -15.72 -7.21 7.87
CA VAL A 68 -14.65 -6.56 8.63
C VAL A 68 -14.82 -6.93 10.11
N VAL A 69 -13.71 -7.25 10.77
CA VAL A 69 -13.80 -7.32 12.23
C VAL A 69 -12.93 -6.20 12.85
N ALA A 70 -13.51 -5.44 13.77
CA ALA A 70 -12.75 -4.37 14.47
C ALA A 70 -12.76 -4.53 16.00
N SER A 71 -11.66 -4.16 16.63
CA SER A 71 -11.61 -4.15 18.09
C SER A 71 -11.36 -2.72 18.58
N ALA A 72 -12.24 -2.22 19.44
CA ALA A 72 -12.28 -0.81 19.83
C ALA A 72 -12.12 -0.56 21.31
N TYR A 73 -11.62 -1.55 22.03
CA TYR A 73 -11.18 -1.33 23.41
C TYR A 73 -10.28 -0.12 23.48
N GLY A 74 -10.66 0.84 24.30
CA GLY A 74 -9.87 2.06 24.51
C GLY A 74 -9.21 2.05 25.87
N PRO A 75 -8.77 3.23 26.36
CA PRO A 75 -8.02 3.35 27.63
C PRO A 75 -8.72 2.82 28.88
N LYS A 76 -10.06 2.94 28.95
CA LYS A 76 -10.78 2.43 30.13
C LYS A 76 -11.08 0.93 30.04
N GLN A 77 -11.18 0.41 28.82
CA GLN A 77 -11.53 -1.01 28.64
C GLN A 77 -10.36 -1.98 28.55
N GLU A 78 -9.24 -1.52 28.02
CA GLU A 78 -8.10 -2.40 27.79
C GLU A 78 -7.34 -2.73 29.08
N GLU A 79 -6.70 -3.90 29.10
CA GLU A 79 -5.79 -4.23 30.18
C GLU A 79 -4.45 -4.62 29.58
N ALA A 80 -3.34 -4.10 30.14
CA ALA A 80 -2.01 -4.37 29.59
C ALA A 80 -1.81 -5.87 29.35
N SER A 81 -2.19 -6.71 30.31
CA SER A 81 -1.94 -8.15 30.20
C SER A 81 -2.83 -8.87 29.18
N LYS A 82 -3.78 -8.17 28.58
CA LYS A 82 -4.69 -8.77 27.60
C LYS A 82 -4.54 -8.26 26.16
N VAL A 83 -3.87 -7.13 25.99
CA VAL A 83 -3.77 -6.47 24.67
C VAL A 83 -3.23 -7.43 23.57
N VAL A 84 -2.12 -8.11 23.82
CA VAL A 84 -1.61 -9.11 22.85
C VAL A 84 -2.60 -10.26 22.55
N ALA A 85 -3.19 -10.86 23.61
CA ALA A 85 -4.13 -11.97 23.44
C ALA A 85 -5.33 -11.54 22.58
N VAL A 86 -5.84 -10.32 22.79
CA VAL A 86 -6.92 -9.79 21.96
C VAL A 86 -6.52 -9.80 20.48
N ALA A 87 -5.42 -9.11 20.14
CA ALA A 87 -4.87 -9.14 18.78
C ALA A 87 -4.75 -10.59 18.20
N LYS A 88 -4.17 -11.48 18.99
CA LYS A 88 -3.98 -12.87 18.60
C LYS A 88 -5.30 -13.56 18.35
N ALA A 89 -6.25 -13.32 19.24
CA ALA A 89 -7.57 -13.98 19.15
C ALA A 89 -8.34 -13.44 17.97
N LEU A 90 -8.20 -12.16 17.70
CA LEU A 90 -8.83 -11.53 16.54
C LEU A 90 -8.31 -12.12 15.24
N VAL A 91 -6.99 -12.20 15.12
CA VAL A 91 -6.35 -12.73 13.91
C VAL A 91 -6.77 -14.17 13.69
N ASP A 92 -6.76 -14.98 14.75
CA ASP A 92 -7.13 -16.42 14.61
C ASP A 92 -8.61 -16.57 14.19
N GLY A 93 -9.48 -15.81 14.84
CA GLY A 93 -10.91 -15.75 14.48
C GLY A 93 -11.11 -15.33 13.04
N ALA A 94 -10.46 -14.24 12.63
CA ALA A 94 -10.64 -13.75 11.26
C ALA A 94 -10.24 -14.82 10.27
N ARG A 95 -9.06 -15.40 10.46
CA ARG A 95 -8.58 -16.52 9.60
C ARG A 95 -9.58 -17.67 9.52
N LYS A 96 -10.04 -18.12 10.69
CA LYS A 96 -10.92 -19.28 10.81
C LYS A 96 -12.26 -19.01 10.13
N ALA A 97 -12.73 -17.77 10.26
CA ALA A 97 -14.01 -17.34 9.69
C ALA A 97 -13.93 -16.86 8.22
N GLY A 98 -12.73 -16.62 7.70
CA GLY A 98 -12.59 -16.20 6.29
C GLY A 98 -12.75 -14.70 6.10
N VAL A 99 -12.53 -13.94 7.18
CA VAL A 99 -12.65 -12.48 7.18
C VAL A 99 -11.25 -11.88 6.95
N LYS A 100 -11.13 -11.03 5.95
CA LYS A 100 -9.82 -10.57 5.53
C LYS A 100 -9.46 -9.23 6.19
N ARG A 101 -10.46 -8.38 6.42
CA ARG A 101 -10.20 -7.05 6.93
C ARG A 101 -10.38 -7.02 8.44
N VAL A 102 -9.29 -6.66 9.13
CA VAL A 102 -9.19 -6.58 10.60
C VAL A 102 -8.64 -5.19 11.00
N VAL A 103 -9.39 -4.42 11.79
CA VAL A 103 -8.87 -3.10 12.20
C VAL A 103 -8.91 -3.01 13.73
N VAL A 104 -7.76 -2.71 14.34
CA VAL A 104 -7.69 -2.64 15.82
C VAL A 104 -7.25 -1.26 16.31
N VAL A 105 -7.79 -0.84 17.44
CA VAL A 105 -7.34 0.36 18.14
C VAL A 105 -5.96 0.04 18.71
N GLY A 106 -4.98 0.87 18.33
CA GLY A 106 -3.60 0.72 18.81
C GLY A 106 -3.33 1.56 20.04
N GLY A 107 -2.10 2.07 20.16
CA GLY A 107 -1.67 2.85 21.34
C GLY A 107 -0.72 3.99 20.94
N ALA A 108 -1.00 5.19 21.46
CA ALA A 108 -0.22 6.39 21.20
C ALA A 108 1.27 6.20 21.59
N GLY A 109 1.53 5.41 22.63
CA GLY A 109 2.90 5.11 23.04
C GLY A 109 3.77 4.44 21.97
N THR A 110 3.14 3.73 21.00
CA THR A 110 3.82 3.09 19.88
C THR A 110 4.16 4.05 18.74
N LEU A 111 3.70 5.29 18.81
CA LEU A 111 3.85 6.18 17.66
C LEU A 111 5.35 6.46 17.47
N GLU A 112 5.80 6.40 16.23
CA GLU A 112 7.22 6.55 15.94
C GLU A 112 7.62 8.02 15.96
N VAL A 113 8.65 8.37 16.73
CA VAL A 113 9.09 9.78 16.79
C VAL A 113 10.32 10.03 15.90
N ALA A 114 11.03 8.95 15.57
CA ALA A 114 12.24 8.94 14.73
C ALA A 114 12.41 7.48 14.33
N PRO A 115 13.11 7.20 13.20
CA PRO A 115 13.42 5.81 12.82
C PRO A 115 13.70 4.91 14.02
N GLY A 116 12.88 3.89 14.22
CA GLY A 116 13.10 2.92 15.29
C GLY A 116 12.88 3.43 16.71
N LYS A 117 12.34 4.65 16.83
CA LYS A 117 12.12 5.31 18.15
C LYS A 117 10.65 5.63 18.37
N GLN A 118 10.08 5.08 19.44
CA GLN A 118 8.69 5.24 19.79
C GLN A 118 8.46 6.24 20.95
N LEU A 119 7.27 6.84 20.96
CA LEU A 119 6.89 7.81 21.98
C LEU A 119 7.11 7.29 23.43
N VAL A 120 6.75 6.04 23.69
CA VAL A 120 6.84 5.48 25.06
C VAL A 120 8.27 5.62 25.59
N ASP A 121 9.26 5.62 24.69
CA ASP A 121 10.65 5.68 25.14
C ASP A 121 11.22 7.09 25.24
N THR A 122 10.39 8.11 24.99
CA THR A 122 10.84 9.52 24.99
C THR A 122 10.96 10.09 26.41
N GLU A 123 11.73 11.16 26.56
CA GLU A 123 11.83 11.82 27.84
C GLU A 123 10.53 12.53 28.21
N GLY A 124 10.04 12.22 29.41
CA GLY A 124 8.82 12.80 29.93
C GLY A 124 7.56 12.01 29.65
N PHE A 125 7.67 10.86 28.98
CA PHE A 125 6.46 10.07 28.71
C PHE A 125 5.85 9.58 30.05
N PRO A 126 4.53 9.73 30.23
CA PRO A 126 3.97 9.44 31.54
C PRO A 126 4.16 8.00 32.00
N ASP A 127 4.75 7.85 33.18
CA ASP A 127 4.96 6.54 33.79
C ASP A 127 3.71 5.68 33.78
N ALA A 128 2.58 6.30 34.10
CA ALA A 128 1.31 5.59 34.26
C ALA A 128 0.77 4.92 32.99
N TYR A 129 1.32 5.27 31.82
CA TYR A 129 0.81 4.72 30.55
C TYR A 129 1.83 3.80 29.92
N LYS A 130 2.95 3.58 30.60
CA LYS A 130 4.04 2.79 30.05
C LYS A 130 3.69 1.31 29.80
N ALA A 131 3.02 0.69 30.77
CA ALA A 131 2.72 -0.74 30.73
C ALA A 131 1.80 -1.03 29.53
N VAL A 132 0.72 -0.27 29.38
CA VAL A 132 -0.15 -0.45 28.20
C VAL A 132 0.56 -0.08 26.89
N ALA A 133 1.45 0.91 26.91
CA ALA A 133 2.13 1.27 25.66
C ALA A 133 3.02 0.10 25.18
N LEU A 134 3.71 -0.54 26.13
CA LEU A 134 4.53 -1.72 25.87
C LEU A 134 3.70 -2.89 25.34
N ALA A 135 2.56 -3.16 25.98
CA ALA A 135 1.62 -4.18 25.48
C ALA A 135 1.16 -3.86 24.04
N HIS A 136 0.86 -2.59 23.73
CA HIS A 136 0.53 -2.27 22.34
C HIS A 136 1.69 -2.55 21.40
N ARG A 137 2.92 -2.21 21.84
CA ARG A 137 4.10 -2.48 21.06
C ARG A 137 4.22 -3.94 20.67
N ASP A 138 3.98 -4.84 21.63
CA ASP A 138 4.00 -6.29 21.36
C ASP A 138 2.85 -6.77 20.48
N ALA A 139 1.65 -6.23 20.70
CA ALA A 139 0.51 -6.48 19.81
C ALA A 139 0.88 -6.12 18.36
N TYR A 140 1.41 -4.92 18.16
CA TYR A 140 1.90 -4.52 16.84
C TYR A 140 3.03 -5.42 16.34
N GLY A 141 4.00 -5.73 17.22
CA GLY A 141 5.02 -6.75 16.91
C GLY A 141 4.43 -8.08 16.42
N TYR A 142 3.39 -8.56 17.09
CA TYR A 142 2.76 -9.80 16.64
C TYR A 142 2.11 -9.68 15.25
N LEU A 143 1.29 -8.64 15.07
CA LEU A 143 0.63 -8.35 13.80
C LEU A 143 1.58 -8.18 12.60
N SER A 144 2.81 -7.70 12.83
CA SER A 144 3.81 -7.56 11.76
CA SER A 144 3.80 -7.56 11.76
C SER A 144 4.23 -8.91 11.18
N THR A 145 3.97 -10.00 11.91
CA THR A 145 4.26 -11.34 11.38
C THR A 145 3.08 -11.89 10.55
N VAL A 146 2.02 -11.11 10.47
CA VAL A 146 0.83 -11.63 9.83
C VAL A 146 0.79 -11.00 8.45
N GLN A 147 0.95 -11.83 7.43
CA GLN A 147 1.05 -11.37 6.05
C GLN A 147 -0.24 -11.61 5.28
N ASP A 148 -1.06 -12.51 5.80
CA ASP A 148 -2.15 -13.07 5.03
C ASP A 148 -3.51 -12.39 5.32
N LEU A 149 -3.57 -11.47 6.28
CA LEU A 149 -4.79 -10.70 6.53
C LEU A 149 -4.52 -9.22 6.21
N ASP A 150 -5.58 -8.47 5.86
CA ASP A 150 -5.53 -7.00 5.72
C ASP A 150 -5.81 -6.30 7.05
N TRP A 151 -4.80 -6.29 7.91
CA TRP A 151 -4.95 -5.70 9.20
C TRP A 151 -4.42 -4.28 9.19
N THR A 152 -4.93 -3.49 10.13
CA THR A 152 -4.48 -2.13 10.37
C THR A 152 -4.41 -1.91 11.88
N PHE A 153 -3.29 -1.39 12.37
CA PHE A 153 -3.13 -1.14 13.79
C PHE A 153 -3.27 0.37 13.93
N PHE A 154 -4.44 0.82 14.34
CA PHE A 154 -4.82 2.23 14.22
C PHE A 154 -4.71 2.94 15.57
N SER A 155 -3.54 3.53 15.89
CA SER A 155 -3.34 4.19 17.20
C SER A 155 -3.98 5.57 17.30
N PRO A 156 -4.63 5.85 18.43
CA PRO A 156 -5.13 7.18 18.71
C PRO A 156 -3.95 8.09 18.94
N ALA A 157 -4.21 9.39 18.86
CA ALA A 157 -3.25 10.38 19.27
C ALA A 157 -2.97 10.26 20.77
N ALA A 158 -1.94 10.97 21.26
CA ALA A 158 -1.57 10.96 22.69
C ALA A 158 -2.72 11.43 23.55
N LEU A 159 -3.57 12.25 22.97
CA LEU A 159 -4.70 12.72 23.73
C LEU A 159 -5.95 12.51 22.89
N ILE A 160 -6.87 11.73 23.40
CA ILE A 160 -8.12 11.48 22.69
C ILE A 160 -9.28 11.52 23.67
N ALA A 161 -10.27 12.36 23.40
CA ALA A 161 -11.43 12.50 24.28
C ALA A 161 -12.60 13.01 23.44
N PRO A 162 -13.86 12.85 23.93
CA PRO A 162 -14.99 13.46 23.22
C PRO A 162 -14.70 14.94 22.97
N GLY A 163 -15.05 15.40 21.77
CA GLY A 163 -14.77 16.76 21.36
C GLY A 163 -15.55 17.15 20.12
N GLU A 164 -14.91 17.80 19.15
CA GLU A 164 -15.65 18.23 17.95
C GLU A 164 -15.64 17.17 16.84
N ARG A 165 -16.76 17.00 16.14
CA ARG A 165 -16.79 16.18 14.93
C ARG A 165 -16.54 17.15 13.78
N THR A 166 -15.29 17.29 13.35
CA THR A 166 -14.98 18.27 12.28
C THR A 166 -14.74 17.62 10.92
N GLY A 167 -14.24 16.39 10.96
CA GLY A 167 -13.87 15.66 9.74
C GLY A 167 -12.58 16.20 9.13
N ARG A 168 -11.88 17.04 9.90
CA ARG A 168 -10.61 17.65 9.48
C ARG A 168 -9.47 17.29 10.44
N PHE A 169 -8.52 16.51 9.94
CA PHE A 169 -7.44 15.97 10.76
C PHE A 169 -6.40 15.39 9.79
N ARG A 170 -5.18 15.24 10.29
CA ARG A 170 -4.12 14.59 9.52
C ARG A 170 -4.06 13.10 9.88
N THR A 171 -3.54 12.30 8.95
CA THR A 171 -3.34 10.88 9.10
C THR A 171 -1.98 10.50 8.49
N GLY A 172 -1.44 9.36 8.94
CA GLY A 172 -0.14 8.84 8.47
C GLY A 172 0.12 7.46 9.02
N ALA A 173 1.20 6.82 8.57
CA ALA A 173 1.41 5.40 8.89
C ALA A 173 2.12 5.21 10.24
N GLY A 174 1.45 5.60 11.31
CA GLY A 174 1.94 5.38 12.67
C GLY A 174 3.13 6.17 13.23
N ARG A 175 3.49 7.28 12.58
CA ARG A 175 4.44 8.24 13.16
C ARG A 175 3.72 9.32 13.96
N LEU A 176 4.39 9.89 14.95
CA LEU A 176 3.82 10.97 15.75
C LEU A 176 3.45 12.15 14.84
N ILE A 177 2.26 12.71 15.05
CA ILE A 177 1.79 13.92 14.35
C ILE A 177 1.52 14.98 15.42
N VAL A 178 2.27 16.09 15.39
CA VAL A 178 2.04 17.13 16.39
C VAL A 178 1.69 18.46 15.72
N ASP A 179 0.86 19.27 16.36
CA ASP A 179 0.62 20.64 15.89
C ASP A 179 1.82 21.58 16.18
N GLU A 180 1.68 22.85 15.84
CA GLU A 180 2.75 23.86 16.03
C GLU A 180 3.19 24.02 17.49
N GLN A 181 2.31 23.65 18.42
CA GLN A 181 2.61 23.69 19.85
C GLN A 181 3.15 22.38 20.44
N GLY A 182 3.26 21.33 19.63
CA GLY A 182 3.75 20.02 20.11
C GLY A 182 2.68 19.12 20.75
N ASN A 183 1.41 19.36 20.39
CA ASN A 183 0.31 18.52 20.89
C ASN A 183 -0.10 17.46 19.89
N SER A 184 -0.29 16.25 20.42
CA SER A 184 -0.84 15.11 19.70
C SER A 184 -2.25 14.94 20.23
N LYS A 185 -3.23 15.44 19.47
CA LYS A 185 -4.61 15.44 19.93
C LYS A 185 -5.57 15.00 18.81
N ILE A 186 -6.61 14.30 19.20
CA ILE A 186 -7.71 13.98 18.29
C ILE A 186 -8.97 13.83 19.14
N SER A 187 -10.10 14.36 18.67
CA SER A 187 -11.38 14.11 19.33
C SER A 187 -11.77 12.68 18.99
N ALA A 188 -12.58 12.08 19.87
CA ALA A 188 -12.96 10.70 19.72
C ALA A 188 -13.87 10.56 18.47
N GLU A 189 -14.65 11.59 18.20
CA GLU A 189 -15.55 11.65 17.03
C GLU A 189 -14.70 11.68 15.77
N ASP A 190 -13.68 12.55 15.75
CA ASP A 190 -12.77 12.59 14.59
C ASP A 190 -11.96 11.30 14.42
N TYR A 191 -11.45 10.74 15.52
CA TYR A 191 -10.75 9.45 15.43
C TYR A 191 -11.67 8.39 14.80
N ALA A 192 -12.94 8.39 15.20
CA ALA A 192 -13.92 7.48 14.61
C ALA A 192 -14.11 7.74 13.08
N ILE A 193 -14.19 9.01 12.67
CA ILE A 193 -14.16 9.31 11.22
C ILE A 193 -12.95 8.63 10.56
N ALA A 194 -11.75 8.89 11.06
CA ALA A 194 -10.53 8.26 10.54
C ALA A 194 -10.58 6.73 10.47
N PHE A 195 -11.11 6.12 11.53
CA PHE A 195 -11.03 4.69 11.74
C PHE A 195 -11.94 4.04 10.70
N VAL A 196 -13.17 4.57 10.61
CA VAL A 196 -14.15 4.05 9.64
C VAL A 196 -13.75 4.40 8.18
N ASP A 197 -13.11 5.56 7.95
CA ASP A 197 -12.59 5.88 6.59
C ASP A 197 -11.57 4.79 6.22
N GLU A 198 -10.78 4.36 7.19
CA GLU A 198 -9.71 3.40 6.92
C GLU A 198 -10.28 2.02 6.62
N ILE A 199 -11.32 1.66 7.35
CA ILE A 199 -12.13 0.46 7.02
C ILE A 199 -12.58 0.45 5.56
N GLU A 200 -13.04 1.59 5.06
CA GLU A 200 -13.51 1.71 3.66
C GLU A 200 -12.36 1.81 2.68
N GLN A 201 -11.29 2.54 3.01
CA GLN A 201 -10.27 2.94 2.03
C GLN A 201 -9.03 2.06 1.95
N GLY A 202 -8.71 1.39 3.04
CA GLY A 202 -7.48 0.58 3.05
C GLY A 202 -6.22 1.33 2.65
N ARG A 203 -5.99 2.49 3.26
CA ARG A 203 -4.77 3.24 2.98
C ARG A 203 -3.56 2.66 3.74
N PHE A 204 -3.82 1.86 4.78
CA PHE A 204 -2.78 1.45 5.73
C PHE A 204 -2.85 -0.06 5.99
N ILE A 205 -2.86 -0.83 4.90
CA ILE A 205 -2.96 -2.30 4.95
C ILE A 205 -1.65 -2.86 5.46
N ARG A 206 -1.74 -3.68 6.49
CA ARG A 206 -0.60 -4.23 7.20
C ARG A 206 0.37 -3.16 7.70
N GLN A 207 -0.17 -2.00 8.10
CA GLN A 207 0.64 -0.89 8.59
C GLN A 207 0.00 -0.38 9.86
N ALA A 208 0.81 0.27 10.68
CA ALA A 208 0.30 1.15 11.73
C ALA A 208 -0.28 2.36 11.03
N ALA A 209 -1.23 3.02 11.72
CA ALA A 209 -1.93 4.17 11.21
C ALA A 209 -2.28 5.01 12.41
N THR A 210 -2.42 6.31 12.22
CA THR A 210 -2.80 7.22 13.29
C THR A 210 -3.41 8.50 12.71
N ALA A 211 -4.13 9.24 13.54
CA ALA A 211 -4.78 10.50 13.15
C ALA A 211 -4.56 11.54 14.26
N ALA A 212 -4.45 12.80 13.89
CA ALA A 212 -4.31 13.86 14.90
C ALA A 212 -4.47 15.16 14.17
N TYR A 213 -4.80 16.26 14.88
CA TYR A 213 -4.90 17.55 14.19
C TYR A 213 -3.52 18.01 13.72
N MET B 5 27.35 8.42 -14.15
CA MET B 5 26.30 9.35 -14.68
C MET B 5 25.08 9.39 -13.75
N LEU B 6 24.24 8.36 -13.77
CA LEU B 6 22.97 8.40 -13.01
C LEU B 6 22.91 7.46 -11.80
N LYS B 7 22.24 7.91 -10.73
CA LYS B 7 21.89 6.99 -9.65
C LYS B 7 20.44 6.52 -9.83
N ILE B 8 20.30 5.24 -10.13
CA ILE B 8 19.01 4.67 -10.46
C ILE B 8 18.63 3.59 -9.46
N ALA B 9 17.45 3.74 -8.88
CA ALA B 9 16.91 2.80 -7.91
C ALA B 9 15.78 2.03 -8.59
N LEU B 10 15.71 0.73 -8.32
CA LEU B 10 14.91 -0.18 -9.14
C LEU B 10 14.19 -1.18 -8.25
N PHE B 11 12.85 -1.23 -8.38
CA PHE B 11 12.00 -2.30 -7.84
C PHE B 11 11.78 -3.43 -8.86
N GLY B 12 11.76 -4.66 -8.36
CA GLY B 12 11.58 -5.84 -9.20
C GLY B 12 12.81 -6.27 -9.97
N ALA B 13 14.00 -5.90 -9.46
CA ALA B 13 15.27 -6.17 -10.14
C ALA B 13 15.62 -7.65 -10.30
N THR B 14 14.88 -8.54 -9.66
CA THR B 14 15.25 -9.94 -9.75
C THR B 14 14.63 -10.66 -10.92
N GLY B 15 13.68 -10.03 -11.62
CA GLY B 15 12.90 -10.72 -12.64
C GLY B 15 13.50 -10.79 -14.04
N MET B 16 12.82 -11.45 -14.95
CA MET B 16 13.30 -11.51 -16.33
C MET B 16 13.56 -10.13 -16.90
N ILE B 17 12.56 -9.24 -16.79
CA ILE B 17 12.69 -7.86 -17.27
C ILE B 17 13.62 -7.05 -16.36
N GLY B 18 13.36 -7.09 -15.07
CA GLY B 18 14.09 -6.28 -14.10
C GLY B 18 15.59 -6.56 -14.07
N SER B 19 15.96 -7.83 -14.16
CA SER B 19 17.39 -8.20 -14.08
C SER B 19 18.15 -7.62 -15.28
N ARG B 20 17.52 -7.58 -16.45
CA ARG B 20 18.16 -7.04 -17.65
C ARG B 20 18.29 -5.52 -17.61
N ILE B 21 17.26 -4.86 -17.07
CA ILE B 21 17.29 -3.43 -16.92
C ILE B 21 18.48 -3.05 -16.03
N ALA B 22 18.63 -3.78 -14.91
CA ALA B 22 19.64 -3.52 -13.89
C ALA B 22 21.05 -3.68 -14.46
N ALA B 23 21.31 -4.81 -15.12
CA ALA B 23 22.59 -5.07 -15.80
C ALA B 23 22.87 -4.09 -16.93
N GLU B 24 21.85 -3.79 -17.74
CA GLU B 24 21.98 -2.82 -18.84
C GLU B 24 22.45 -1.47 -18.28
N ALA B 25 21.89 -1.05 -17.15
CA ALA B 25 22.20 0.26 -16.57
C ALA B 25 23.59 0.28 -15.93
N ALA B 26 23.92 -0.81 -15.24
CA ALA B 26 25.22 -1.00 -14.61
C ALA B 26 26.34 -1.07 -15.66
N ARG B 27 26.13 -1.72 -16.79
CA ARG B 27 27.23 -1.85 -17.76
C ARG B 27 27.56 -0.52 -18.45
N ARG B 28 26.60 0.42 -18.45
CA ARG B 28 26.83 1.78 -18.95
C ARG B 28 27.56 2.68 -17.94
N GLY B 29 27.63 2.25 -16.68
CA GLY B 29 28.27 3.08 -15.66
C GLY B 29 27.34 3.78 -14.68
N HIS B 30 26.01 3.59 -14.84
CA HIS B 30 25.08 4.17 -13.90
C HIS B 30 25.25 3.48 -12.54
N GLN B 31 24.85 4.13 -11.45
CA GLN B 31 24.93 3.48 -10.15
C GLN B 31 23.54 2.88 -9.80
N VAL B 32 23.47 1.55 -9.72
CA VAL B 32 22.18 0.90 -9.72
C VAL B 32 21.98 0.32 -8.33
N THR B 33 20.88 0.76 -7.73
CA THR B 33 20.46 0.25 -6.42
C THR B 33 19.17 -0.54 -6.60
N ALA B 34 19.23 -1.85 -6.34
CA ALA B 34 18.04 -2.72 -6.32
C ALA B 34 17.31 -2.64 -4.98
N LEU B 35 16.06 -2.19 -5.02
CA LEU B 35 15.33 -1.92 -3.79
C LEU B 35 14.29 -3.01 -3.54
N SER B 36 14.23 -3.52 -2.32
CA SER B 36 13.23 -4.53 -1.95
C SER B 36 13.04 -4.71 -0.42
N ARG B 37 12.02 -5.47 -0.06
CA ARG B 37 11.74 -5.83 1.35
C ARG B 37 12.76 -6.82 1.93
N ASN B 38 13.11 -7.86 1.19
CA ASN B 38 14.06 -8.88 1.67
C ASN B 38 15.38 -8.89 0.89
N PRO B 39 16.09 -7.74 0.87
CA PRO B 39 17.16 -7.53 -0.11
C PRO B 39 18.33 -8.50 0.03
N ALA B 44 28.35 -8.70 -9.09
CA ALA B 44 26.95 -8.29 -9.23
C ALA B 44 26.78 -6.90 -9.84
N ASN B 45 27.68 -5.95 -9.53
CA ASN B 45 27.66 -4.59 -10.17
C ASN B 45 26.45 -3.71 -9.84
N VAL B 46 25.59 -4.25 -8.98
CA VAL B 46 24.32 -3.66 -8.63
C VAL B 46 24.28 -3.79 -7.11
N GLN B 47 23.93 -2.69 -6.44
CA GLN B 47 23.78 -2.71 -5.00
C GLN B 47 22.36 -3.13 -4.61
N ALA B 48 22.19 -3.46 -3.33
CA ALA B 48 20.90 -3.97 -2.85
C ALA B 48 20.58 -3.33 -1.51
N LYS B 49 19.49 -2.56 -1.45
CA LYS B 49 19.02 -1.97 -0.19
C LYS B 49 17.57 -2.28 0.14
N ALA B 50 17.21 -2.12 1.41
CA ALA B 50 15.87 -2.42 1.88
C ALA B 50 14.92 -1.22 1.72
N ALA B 51 13.70 -1.50 1.30
CA ALA B 51 12.70 -0.45 1.11
C ALA B 51 11.31 -1.04 1.12
N ASP B 52 10.41 -0.34 1.82
CA ASP B 52 9.00 -0.73 1.92
C ASP B 52 8.17 0.12 0.92
N LEU B 53 7.87 -0.48 -0.24
CA LEU B 53 7.21 0.26 -1.34
C LEU B 53 5.94 0.99 -0.86
N PHE B 54 5.16 0.34 -0.01
CA PHE B 54 3.90 0.95 0.37
C PHE B 54 4.02 1.82 1.62
N ASP B 55 5.24 1.99 2.14
CA ASP B 55 5.46 2.93 3.26
C ASP B 55 6.09 4.21 2.69
N PRO B 56 5.28 5.30 2.57
CA PRO B 56 5.76 6.51 1.89
C PRO B 56 7.03 7.07 2.53
N ALA B 57 7.14 6.98 3.86
CA ALA B 57 8.34 7.44 4.56
C ALA B 57 9.57 6.56 4.31
N SER B 58 9.36 5.28 3.97
CA SER B 58 10.45 4.32 3.70
C SER B 58 11.03 4.43 2.29
N ILE B 59 10.19 4.29 1.26
CA ILE B 59 10.65 4.52 -0.10
C ILE B 59 11.28 5.91 -0.20
N ALA B 60 10.65 6.94 0.35
CA ALA B 60 11.24 8.28 0.30
C ALA B 60 12.66 8.29 0.86
N ALA B 61 12.83 7.66 2.03
CA ALA B 61 14.14 7.51 2.67
C ALA B 61 15.11 6.78 1.75
N ALA B 62 14.65 5.67 1.14
CA ALA B 62 15.51 4.90 0.23
C ALA B 62 15.86 5.68 -1.02
N LEU B 63 14.98 6.58 -1.44
CA LEU B 63 15.14 7.34 -2.68
C LEU B 63 15.97 8.61 -2.57
N ALA B 64 16.24 9.05 -1.34
CA ALA B 64 16.99 10.28 -1.08
C ALA B 64 18.35 10.20 -1.74
N GLY B 65 18.61 11.13 -2.65
CA GLY B 65 19.88 11.14 -3.40
C GLY B 65 19.75 10.58 -4.79
N GLN B 66 18.68 9.84 -5.07
CA GLN B 66 18.56 9.15 -6.37
C GLN B 66 18.25 10.12 -7.49
N ASP B 67 18.61 9.78 -8.72
CA ASP B 67 18.21 10.60 -9.87
C ASP B 67 16.90 10.07 -10.48
N VAL B 68 16.72 8.75 -10.42
CA VAL B 68 15.63 8.07 -11.10
C VAL B 68 15.10 6.95 -10.23
N VAL B 69 13.78 6.82 -10.16
CA VAL B 69 13.23 5.58 -9.64
C VAL B 69 12.44 4.88 -10.74
N ALA B 70 12.62 3.56 -10.80
CA ALA B 70 11.92 2.73 -11.77
C ALA B 70 11.34 1.51 -11.08
N SER B 71 10.19 1.08 -11.56
CA SER B 71 9.58 -0.15 -11.11
C SER B 71 9.58 -1.12 -12.30
N ALA B 72 10.13 -2.31 -12.12
CA ALA B 72 10.41 -3.20 -13.24
C ALA B 72 9.72 -4.51 -13.12
N TYR B 73 8.69 -4.58 -12.30
CA TYR B 73 7.93 -5.82 -12.15
C TYR B 73 7.40 -6.28 -13.50
N GLY B 74 7.60 -7.55 -13.81
CA GLY B 74 7.22 -8.07 -15.13
C GLY B 74 5.97 -8.90 -15.02
N PRO B 75 5.68 -9.72 -16.03
CA PRO B 75 4.52 -10.63 -15.98
C PRO B 75 4.55 -11.67 -14.86
N LYS B 76 5.72 -12.09 -14.38
CA LYS B 76 5.79 -13.12 -13.33
C LYS B 76 5.68 -12.54 -11.91
N GLN B 77 6.04 -11.27 -11.75
CA GLN B 77 5.99 -10.63 -10.43
C GLN B 77 4.72 -9.82 -10.18
N GLU B 78 4.17 -9.26 -11.25
CA GLU B 78 3.03 -8.37 -11.11
C GLU B 78 1.81 -9.12 -10.60
N GLU B 79 1.02 -8.47 -9.75
CA GLU B 79 -0.33 -8.96 -9.42
C GLU B 79 -1.34 -7.92 -9.93
N ALA B 80 -2.30 -8.37 -10.74
CA ALA B 80 -3.33 -7.43 -11.27
C ALA B 80 -3.84 -6.44 -10.21
N SER B 81 -4.23 -6.95 -9.04
CA SER B 81 -4.82 -6.12 -7.99
C SER B 81 -3.87 -5.12 -7.31
N LYS B 82 -2.58 -5.19 -7.65
CA LYS B 82 -1.56 -4.35 -7.00
C LYS B 82 -0.86 -3.42 -7.98
N VAL B 83 -1.13 -3.59 -9.27
CA VAL B 83 -0.49 -2.73 -10.27
C VAL B 83 -0.72 -1.23 -10.05
N VAL B 84 -1.99 -0.82 -9.85
CA VAL B 84 -2.29 0.58 -9.61
C VAL B 84 -1.63 1.09 -8.33
N ALA B 85 -1.67 0.26 -7.29
CA ALA B 85 -1.07 0.58 -6.00
C ALA B 85 0.42 0.84 -6.16
N VAL B 86 1.09 0.04 -6.99
CA VAL B 86 2.55 0.16 -7.12
C VAL B 86 2.88 1.53 -7.71
N ALA B 87 2.18 1.90 -8.79
CA ALA B 87 2.35 3.18 -9.47
C ALA B 87 2.13 4.39 -8.56
N LYS B 88 1.04 4.32 -7.80
CA LYS B 88 0.69 5.35 -6.83
C LYS B 88 1.80 5.50 -5.80
N ALA B 89 2.25 4.37 -5.25
CA ALA B 89 3.23 4.38 -4.18
C ALA B 89 4.59 4.91 -4.63
N LEU B 90 4.94 4.68 -5.90
CA LEU B 90 6.19 5.17 -6.47
C LEU B 90 6.14 6.66 -6.67
N VAL B 91 5.01 7.14 -7.19
CA VAL B 91 4.84 8.59 -7.39
C VAL B 91 4.93 9.33 -6.06
N ASP B 92 4.16 8.90 -5.06
CA ASP B 92 4.23 9.51 -3.75
C ASP B 92 5.67 9.51 -3.20
N GLY B 93 6.35 8.38 -3.27
CA GLY B 93 7.74 8.26 -2.80
C GLY B 93 8.68 9.21 -3.51
N ALA B 94 8.62 9.22 -4.84
CA ALA B 94 9.46 10.11 -5.63
C ALA B 94 9.20 11.57 -5.27
N ARG B 95 7.93 11.99 -5.20
CA ARG B 95 7.54 13.34 -4.75
C ARG B 95 8.22 13.74 -3.46
N LYS B 96 8.09 12.86 -2.46
CA LYS B 96 8.61 13.06 -1.12
C LYS B 96 10.15 13.11 -1.04
N ALA B 97 10.84 12.35 -1.88
CA ALA B 97 12.29 12.33 -1.85
C ALA B 97 12.87 13.36 -2.83
N GLY B 98 11.99 14.02 -3.59
CA GLY B 98 12.42 15.05 -4.53
C GLY B 98 13.07 14.43 -5.75
N VAL B 99 12.69 13.20 -6.06
CA VAL B 99 13.12 12.53 -7.28
C VAL B 99 12.08 12.87 -8.36
N LYS B 100 12.58 13.38 -9.48
CA LYS B 100 11.79 13.96 -10.58
C LYS B 100 11.41 12.91 -11.65
N ARG B 101 12.37 12.02 -11.94
CA ARG B 101 12.23 11.00 -12.97
C ARG B 101 11.77 9.62 -12.47
N VAL B 102 10.67 9.14 -13.05
CA VAL B 102 10.03 7.90 -12.64
C VAL B 102 9.66 7.13 -13.90
N VAL B 103 10.13 5.89 -14.02
CA VAL B 103 9.81 5.04 -15.19
C VAL B 103 9.24 3.74 -14.72
N VAL B 104 8.08 3.35 -15.26
CA VAL B 104 7.48 2.08 -14.84
C VAL B 104 7.31 1.14 -16.03
N VAL B 105 7.50 -0.15 -15.78
CA VAL B 105 7.11 -1.18 -16.77
C VAL B 105 5.58 -1.11 -16.88
N GLY B 106 5.10 -1.05 -18.12
CA GLY B 106 3.67 -1.01 -18.39
C GLY B 106 3.17 -2.34 -18.86
N GLY B 107 2.22 -2.32 -19.79
CA GLY B 107 1.53 -3.53 -20.23
C GLY B 107 1.16 -3.36 -21.69
N ALA B 108 1.43 -4.39 -22.49
CA ALA B 108 1.15 -4.41 -23.92
C ALA B 108 -0.34 -4.17 -24.23
N GLY B 109 -1.20 -4.62 -23.31
CA GLY B 109 -2.67 -4.48 -23.50
C GLY B 109 -3.17 -3.04 -23.58
N THR B 110 -2.36 -2.09 -23.06
CA THR B 110 -2.71 -0.68 -23.05
C THR B 110 -2.33 -0.01 -24.36
N LEU B 111 -1.56 -0.70 -25.22
CA LEU B 111 -1.01 -0.05 -26.41
C LEU B 111 -2.12 0.32 -27.35
N GLU B 112 -2.00 1.50 -27.90
CA GLU B 112 -3.07 2.06 -28.70
C GLU B 112 -3.05 1.51 -30.13
N VAL B 113 -4.18 0.91 -30.53
CA VAL B 113 -4.32 0.36 -31.88
C VAL B 113 -4.91 1.38 -32.85
N ALA B 114 -5.69 2.33 -32.31
CA ALA B 114 -6.24 3.47 -33.04
C ALA B 114 -6.66 4.52 -31.98
N PRO B 115 -6.86 5.80 -32.37
CA PRO B 115 -7.25 6.80 -31.39
C PRO B 115 -8.38 6.30 -30.46
N GLY B 116 -8.17 6.41 -29.16
CA GLY B 116 -9.08 5.86 -28.14
C GLY B 116 -9.37 4.36 -28.16
N LYS B 117 -8.50 3.56 -28.79
CA LYS B 117 -8.69 2.08 -28.81
C LYS B 117 -7.40 1.34 -28.39
N GLN B 118 -7.48 0.59 -27.27
CA GLN B 118 -6.34 -0.15 -26.73
CA GLN B 118 -6.33 -0.16 -26.77
C GLN B 118 -6.40 -1.63 -27.14
N LEU B 119 -5.22 -2.24 -27.25
CA LEU B 119 -5.08 -3.65 -27.65
C LEU B 119 -5.96 -4.59 -26.83
N VAL B 120 -6.05 -4.36 -25.51
CA VAL B 120 -6.90 -5.18 -24.64
C VAL B 120 -8.35 -5.36 -25.18
N ASP B 121 -8.86 -4.35 -25.88
CA ASP B 121 -10.25 -4.37 -26.32
C ASP B 121 -10.42 -4.93 -27.71
N THR B 122 -9.34 -5.41 -28.34
CA THR B 122 -9.43 -5.91 -29.69
C THR B 122 -9.84 -7.37 -29.77
N GLU B 123 -10.25 -7.77 -30.97
CA GLU B 123 -10.72 -9.11 -31.27
C GLU B 123 -9.57 -10.07 -31.15
N GLY B 124 -9.79 -11.13 -30.36
CA GLY B 124 -8.78 -12.14 -30.17
C GLY B 124 -7.79 -11.83 -29.07
N PHE B 125 -8.02 -10.77 -28.31
CA PHE B 125 -7.06 -10.47 -27.21
C PHE B 125 -7.17 -11.57 -26.16
N PRO B 126 -6.02 -12.12 -25.71
CA PRO B 126 -6.08 -13.28 -24.81
C PRO B 126 -6.87 -13.02 -23.51
N ASP B 127 -7.87 -13.86 -23.26
CA ASP B 127 -8.67 -13.72 -22.03
C ASP B 127 -7.78 -13.81 -20.79
N ALA B 128 -6.76 -14.65 -20.80
CA ALA B 128 -5.84 -14.77 -19.65
C ALA B 128 -5.11 -13.49 -19.24
N TYR B 129 -4.87 -12.57 -20.19
CA TYR B 129 -4.12 -11.35 -19.87
CA TYR B 129 -4.12 -11.33 -19.98
C TYR B 129 -5.00 -10.10 -19.73
N LYS B 130 -6.32 -10.30 -19.78
CA LYS B 130 -7.26 -9.18 -19.67
C LYS B 130 -7.19 -8.44 -18.32
N ALA B 131 -7.21 -9.19 -17.21
CA ALA B 131 -7.17 -8.61 -15.86
C ALA B 131 -5.95 -7.72 -15.64
N VAL B 132 -4.74 -8.21 -15.89
CA VAL B 132 -3.54 -7.38 -15.75
C VAL B 132 -3.55 -6.23 -16.75
N ALA B 133 -4.18 -6.45 -17.92
CA ALA B 133 -4.10 -5.46 -19.00
C ALA B 133 -4.98 -4.31 -18.53
N LEU B 134 -6.12 -4.65 -17.93
CA LEU B 134 -7.02 -3.61 -17.39
C LEU B 134 -6.37 -2.86 -16.24
N ALA B 135 -5.68 -3.57 -15.35
CA ALA B 135 -4.96 -2.95 -14.23
C ALA B 135 -3.89 -2.01 -14.75
N HIS B 136 -3.12 -2.42 -15.77
CA HIS B 136 -2.14 -1.49 -16.37
C HIS B 136 -2.84 -0.26 -16.93
N ARG B 137 -3.99 -0.48 -17.57
CA ARG B 137 -4.76 0.64 -18.08
C ARG B 137 -5.02 1.69 -17.01
N ASP B 138 -5.44 1.24 -15.84
CA ASP B 138 -5.79 2.16 -14.75
C ASP B 138 -4.55 2.80 -14.18
N ALA B 139 -3.43 2.06 -14.16
CA ALA B 139 -2.17 2.63 -13.71
C ALA B 139 -1.81 3.83 -14.60
N TYR B 140 -1.93 3.65 -15.91
CA TYR B 140 -1.59 4.70 -16.85
C TYR B 140 -2.56 5.86 -16.68
N GLY B 141 -3.83 5.53 -16.43
CA GLY B 141 -4.84 6.56 -16.15
C GLY B 141 -4.47 7.42 -14.95
N TYR B 142 -4.03 6.77 -13.87
CA TYR B 142 -3.53 7.49 -12.70
C TYR B 142 -2.29 8.35 -13.08
N LEU B 143 -1.32 7.78 -13.78
CA LEU B 143 -0.09 8.52 -14.10
C LEU B 143 -0.44 9.75 -14.88
N SER B 144 -1.39 9.57 -15.81
CA SER B 144 -1.90 10.65 -16.63
C SER B 144 -2.32 11.90 -15.83
N THR B 145 -2.76 11.68 -14.58
CA THR B 145 -3.17 12.78 -13.73
C THR B 145 -1.97 13.49 -13.10
N VAL B 146 -0.80 12.85 -13.15
CA VAL B 146 0.44 13.36 -12.51
C VAL B 146 1.18 14.30 -13.47
N GLN B 147 1.18 15.59 -13.10
CA GLN B 147 1.86 16.65 -13.85
C GLN B 147 3.19 17.16 -13.28
N ASP B 148 3.46 16.93 -12.01
CA ASP B 148 4.68 17.45 -11.41
C ASP B 148 5.90 16.58 -11.74
N LEU B 149 5.71 15.27 -11.87
CA LEU B 149 6.80 14.34 -12.07
C LEU B 149 7.03 14.06 -13.56
N ASP B 150 8.30 13.85 -13.91
CA ASP B 150 8.74 13.37 -15.20
C ASP B 150 8.63 11.82 -15.23
N TRP B 151 7.42 11.33 -15.45
CA TRP B 151 7.13 9.91 -15.50
C TRP B 151 7.05 9.41 -16.92
N THR B 152 7.30 8.11 -17.09
CA THR B 152 7.08 7.40 -18.36
C THR B 152 6.47 6.06 -18.03
N PHE B 153 5.41 5.72 -18.76
CA PHE B 153 4.77 4.42 -18.64
C PHE B 153 5.24 3.58 -19.82
N PHE B 154 6.25 2.73 -19.59
CA PHE B 154 6.97 2.05 -20.70
C PHE B 154 6.46 0.62 -20.90
N SER B 155 5.51 0.44 -21.82
CA SER B 155 4.92 -0.88 -22.06
C SER B 155 5.81 -1.79 -22.87
N PRO B 156 5.92 -3.06 -22.42
CA PRO B 156 6.58 -4.01 -23.34
C PRO B 156 5.70 -4.28 -24.57
N ALA B 157 6.33 -4.88 -25.59
CA ALA B 157 5.61 -5.47 -26.71
C ALA B 157 4.78 -6.64 -26.20
N ALA B 158 3.80 -7.02 -27.02
CA ALA B 158 2.93 -8.15 -26.76
C ALA B 158 3.70 -9.43 -26.42
N LEU B 159 4.80 -9.69 -27.12
CA LEU B 159 5.66 -10.82 -26.78
C LEU B 159 7.02 -10.31 -26.36
N ILE B 160 7.39 -10.55 -25.13
CA ILE B 160 8.74 -10.16 -24.65
C ILE B 160 9.35 -11.39 -23.99
N ALA B 161 10.56 -11.77 -24.44
CA ALA B 161 11.22 -12.95 -23.94
C ALA B 161 12.75 -12.81 -24.08
N PRO B 162 13.53 -13.72 -23.43
CA PRO B 162 14.98 -13.57 -23.57
C PRO B 162 15.34 -13.83 -25.03
N GLY B 163 16.24 -13.05 -25.57
CA GLY B 163 16.60 -13.17 -26.99
C GLY B 163 17.91 -12.46 -27.22
N GLU B 164 18.04 -11.76 -28.34
CA GLU B 164 19.31 -11.10 -28.68
C GLU B 164 19.36 -9.64 -28.19
N ARG B 165 20.55 -9.21 -27.80
CA ARG B 165 20.80 -7.80 -27.48
C ARG B 165 21.31 -7.18 -28.76
N THR B 166 20.42 -6.55 -29.52
CA THR B 166 20.85 -6.04 -30.82
C THR B 166 21.00 -4.54 -30.80
N GLY B 167 20.24 -3.87 -29.91
CA GLY B 167 20.16 -2.42 -29.90
C GLY B 167 19.36 -1.82 -31.06
N ARG B 168 18.69 -2.67 -31.85
CA ARG B 168 17.97 -2.24 -33.05
C ARG B 168 16.46 -2.56 -33.00
N PHE B 169 15.64 -1.54 -32.81
CA PHE B 169 14.21 -1.74 -32.56
C PHE B 169 13.57 -0.36 -32.73
N ARG B 170 12.26 -0.37 -32.96
CA ARG B 170 11.47 0.84 -33.10
C ARG B 170 10.87 1.28 -31.76
N THR B 171 10.73 2.59 -31.58
CA THR B 171 10.10 3.12 -30.37
C THR B 171 9.00 4.10 -30.75
N GLY B 172 8.06 4.33 -29.85
CA GLY B 172 7.08 5.43 -30.02
C GLY B 172 6.29 5.60 -28.72
N ALA B 173 5.34 6.53 -28.74
CA ALA B 173 4.63 6.98 -27.52
C ALA B 173 3.43 6.10 -27.15
N GLY B 174 3.65 4.80 -26.97
CA GLY B 174 2.56 3.89 -26.53
C GLY B 174 1.52 3.44 -27.57
N ARG B 175 1.82 3.58 -28.85
CA ARG B 175 0.99 3.00 -29.91
C ARG B 175 1.54 1.63 -30.32
N LEU B 176 0.63 0.72 -30.70
CA LEU B 176 1.04 -0.60 -31.13
C LEU B 176 2.06 -0.45 -32.22
N ILE B 177 3.15 -1.22 -32.14
CA ILE B 177 4.14 -1.31 -33.21
C ILE B 177 4.15 -2.76 -33.68
N VAL B 178 3.91 -3.00 -34.96
CA VAL B 178 3.98 -4.39 -35.49
C VAL B 178 4.91 -4.49 -36.71
N ASP B 179 5.56 -5.63 -36.90
CA ASP B 179 6.34 -5.83 -38.12
C ASP B 179 5.41 -6.11 -39.30
N GLU B 180 5.93 -6.38 -40.49
CA GLU B 180 5.01 -6.52 -41.62
C GLU B 180 4.10 -7.77 -41.49
N GLN B 181 4.51 -8.77 -40.70
CA GLN B 181 3.63 -9.93 -40.41
C GLN B 181 2.67 -9.77 -39.21
N GLY B 182 2.59 -8.55 -38.64
CA GLY B 182 1.69 -8.25 -37.51
C GLY B 182 2.13 -8.82 -36.16
N ASN B 183 3.44 -8.98 -35.99
CA ASN B 183 4.03 -9.32 -34.71
C ASN B 183 4.54 -8.10 -33.95
N SER B 184 4.14 -8.05 -32.69
CA SER B 184 4.60 -7.09 -31.69
C SER B 184 5.60 -7.86 -30.79
N LYS B 185 6.88 -7.77 -31.10
CA LYS B 185 7.92 -8.51 -30.37
C LYS B 185 9.11 -7.61 -29.96
N ILE B 186 9.76 -7.99 -28.84
CA ILE B 186 11.01 -7.37 -28.38
C ILE B 186 11.73 -8.40 -27.47
N SER B 187 13.04 -8.59 -27.64
CA SER B 187 13.79 -9.40 -26.66
C SER B 187 13.78 -8.66 -25.34
N ALA B 188 13.91 -9.39 -24.22
CA ALA B 188 14.00 -8.71 -22.92
C ALA B 188 15.27 -7.80 -22.91
N GLU B 189 16.30 -8.23 -23.61
CA GLU B 189 17.56 -7.49 -23.61
C GLU B 189 17.36 -6.14 -24.34
N ASP B 190 16.70 -6.21 -25.50
CA ASP B 190 16.47 -4.99 -26.30
C ASP B 190 15.48 -4.07 -25.62
N TYR B 191 14.46 -4.65 -24.98
CA TYR B 191 13.61 -3.86 -24.08
C TYR B 191 14.41 -3.09 -23.02
N ALA B 192 15.40 -3.74 -22.38
CA ALA B 192 16.17 -3.06 -21.34
C ALA B 192 16.98 -1.93 -21.96
N ILE B 193 17.47 -2.14 -23.20
CA ILE B 193 18.24 -1.06 -23.87
C ILE B 193 17.34 0.14 -24.05
N ALA B 194 16.14 -0.08 -24.59
CA ALA B 194 15.12 1.01 -24.75
C ALA B 194 14.75 1.74 -23.44
N PHE B 195 14.63 0.94 -22.38
CA PHE B 195 14.16 1.41 -21.06
C PHE B 195 15.22 2.35 -20.47
N VAL B 196 16.48 1.91 -20.48
CA VAL B 196 17.56 2.74 -19.94
C VAL B 196 17.88 3.92 -20.87
N ASP B 197 17.73 3.72 -22.18
CA ASP B 197 17.88 4.83 -23.13
C ASP B 197 16.89 5.93 -22.78
N GLU B 198 15.67 5.53 -22.43
CA GLU B 198 14.57 6.49 -22.15
C GLU B 198 14.81 7.17 -20.79
N ILE B 199 15.28 6.37 -19.84
CA ILE B 199 15.85 6.93 -18.60
C ILE B 199 16.79 8.11 -18.93
N GLU B 200 17.71 7.93 -19.88
CA GLU B 200 18.77 8.91 -20.07
C GLU B 200 18.35 10.07 -20.95
N GLN B 201 17.37 9.84 -21.84
CA GLN B 201 17.06 10.77 -22.93
C GLN B 201 15.78 11.57 -22.71
N GLY B 202 14.81 10.96 -22.06
CA GLY B 202 13.52 11.61 -21.85
C GLY B 202 12.79 12.01 -23.14
N ARG B 203 12.69 11.06 -24.08
CA ARG B 203 11.87 11.25 -25.26
C ARG B 203 10.35 11.20 -24.99
N PHE B 204 9.94 10.65 -23.85
CA PHE B 204 8.55 10.29 -23.55
C PHE B 204 8.17 10.71 -22.12
N ILE B 205 8.46 11.97 -21.79
CA ILE B 205 8.16 12.56 -20.49
C ILE B 205 6.67 12.81 -20.40
N ARG B 206 6.10 12.34 -19.30
CA ARG B 206 4.67 12.35 -19.09
C ARG B 206 3.92 11.71 -20.26
N GLN B 207 4.45 10.59 -20.78
CA GLN B 207 3.82 9.86 -21.88
C GLN B 207 4.04 8.38 -21.71
N ALA B 208 3.22 7.59 -22.40
CA ALA B 208 3.46 6.20 -22.63
C ALA B 208 4.63 6.11 -23.62
N ALA B 209 5.26 4.94 -23.60
CA ALA B 209 6.35 4.64 -24.43
C ALA B 209 6.30 3.15 -24.68
N THR B 210 6.78 2.72 -25.82
CA THR B 210 6.93 1.25 -26.04
C THR B 210 8.05 1.02 -27.05
N ALA B 211 8.55 -0.22 -27.13
CA ALA B 211 9.56 -0.57 -28.15
C ALA B 211 9.13 -1.91 -28.75
N ALA B 212 9.42 -2.14 -30.02
CA ALA B 212 9.23 -3.46 -30.63
C ALA B 212 10.00 -3.48 -31.95
N TYR B 213 10.24 -4.65 -32.54
CA TYR B 213 10.95 -4.67 -33.84
C TYR B 213 10.07 -4.13 -34.94
C1 EDO C . -18.26 -3.39 26.33
O1 EDO C . -17.99 -2.57 25.17
C2 EDO C . -19.30 -4.42 25.97
O2 EDO C . -19.49 -4.28 24.56
S SO4 D . -12.75 3.31 26.21
O1 SO4 D . -12.72 3.76 24.79
O2 SO4 D . -14.06 3.57 26.89
O3 SO4 D . -12.46 1.84 26.32
O4 SO4 D . -11.67 4.01 26.96
S SO4 E . -16.71 -8.05 26.45
O1 SO4 E . -17.63 -9.19 26.20
O2 SO4 E . -16.10 -7.53 25.21
O3 SO4 E . -17.48 -6.98 27.11
O4 SO4 E . -15.62 -8.53 27.33
S SO4 F . 9.27 -10.91 -14.60
O1 SO4 F . 8.71 -10.25 -13.36
O2 SO4 F . 8.14 -11.55 -15.29
O3 SO4 F . 9.88 -9.84 -15.45
O4 SO4 F . 10.22 -11.97 -14.20
S SO4 G . 9.43 -5.95 -2.98
O1 SO4 G . 8.03 -6.19 -2.56
O2 SO4 G . 10.06 -5.06 -1.98
O3 SO4 G . 10.13 -7.26 -3.09
O4 SO4 G . 9.42 -5.30 -4.30
#